data_1DKR
#
_entry.id   1DKR
#
_cell.length_a   115.610
_cell.length_b   115.610
_cell.length_c   107.750
_cell.angle_alpha   90.00
_cell.angle_beta   90.00
_cell.angle_gamma   120.00
#
_symmetry.space_group_name_H-M   'P 63'
#
loop_
_entity.id
_entity.type
_entity.pdbx_description
1 polymer 'PHOSPHORIBOSYL PYROPHOSPHATE SYNTHETASE'
2 non-polymer 'SULFATE ION'
3 water water
#
_entity_poly.entity_id   1
_entity_poly.type   'polypeptide(L)'
_entity_poly.pdbx_seq_one_letter_code
;MSNQYGDKNLKIFSLNSNPELAKEIADIVGVQLGKCSVTRFSDGEVQINIEESIRGCDCYIIQSTSDPVNEHIMELLIMV
DALKRASAKTINIVIPYYGYARQDRKARSREPITAKLFANLLETAGATRVIALDLHAPQIQGFFDIPIDHLMGVPILGEY
FEGKNLEDIVIVSPDHGGVTRARKLADRLKAPIAIIDKRRPRPNVAEVMNIVGNIEGKTAILIDDIIDTAGTITLAANAL
VENGAKEVYACCTHPVLSGPAVERINNSTIKELVVTNSIKLPEEKKIERFKQLSVGPLLAEAIIRVHEQQSVSYLFS
;
_entity_poly.pdbx_strand_id   A,B
#
loop_
_chem_comp.id
_chem_comp.type
_chem_comp.name
_chem_comp.formula
SO4 non-polymer 'SULFATE ION' 'O4 S -2'
#
# COMPACT_ATOMS: atom_id res chain seq x y z
N ASN A 9 -30.93 -13.42 -18.31
CA ASN A 9 -29.48 -13.68 -18.61
C ASN A 9 -28.47 -13.31 -17.49
N LEU A 10 -28.90 -12.50 -16.51
CA LEU A 10 -28.03 -12.09 -15.38
C LEU A 10 -28.57 -12.96 -14.26
N LYS A 11 -27.70 -13.72 -13.57
CA LYS A 11 -28.16 -14.54 -12.46
C LYS A 11 -27.32 -14.17 -11.26
N ILE A 12 -27.95 -13.97 -10.11
CA ILE A 12 -27.24 -13.59 -8.90
C ILE A 12 -27.38 -14.70 -7.87
N PHE A 13 -26.27 -15.15 -7.31
CA PHE A 13 -26.28 -16.18 -6.28
C PHE A 13 -25.76 -15.60 -4.98
N SER A 14 -26.15 -16.22 -3.89
CA SER A 14 -25.64 -15.79 -2.61
C SER A 14 -25.09 -17.04 -1.91
N LEU A 15 -24.07 -16.86 -1.08
CA LEU A 15 -23.51 -17.97 -0.33
C LEU A 15 -23.79 -17.65 1.14
N ASN A 16 -23.09 -18.26 2.08
CA ASN A 16 -23.40 -18.06 3.49
C ASN A 16 -22.99 -16.80 4.26
N SER A 17 -22.08 -16.02 3.72
CA SER A 17 -21.58 -14.88 4.47
C SER A 17 -22.59 -13.83 4.91
N ASN A 18 -23.35 -13.33 3.94
CA ASN A 18 -24.27 -12.26 4.25
C ASN A 18 -25.50 -12.41 3.41
N PRO A 19 -26.32 -13.45 3.70
CA PRO A 19 -27.54 -13.67 2.93
C PRO A 19 -28.52 -12.49 2.79
N GLU A 20 -28.68 -11.71 3.87
CA GLU A 20 -29.57 -10.56 3.86
C GLU A 20 -29.10 -9.46 2.92
N LEU A 21 -27.80 -9.18 2.89
CA LEU A 21 -27.32 -8.17 1.98
C LEU A 21 -27.62 -8.64 0.56
N ALA A 22 -27.29 -9.89 0.27
CA ALA A 22 -27.53 -10.48 -1.05
C ALA A 22 -29.00 -10.35 -1.50
N LYS A 23 -29.93 -10.60 -0.58
CA LYS A 23 -31.35 -10.52 -0.86
C LYS A 23 -31.75 -9.07 -1.17
N GLU A 24 -31.29 -8.12 -0.33
CA GLU A 24 -31.57 -6.71 -0.54
C GLU A 24 -31.12 -6.29 -1.93
N ILE A 25 -29.90 -6.66 -2.29
CA ILE A 25 -29.34 -6.35 -3.61
C ILE A 25 -30.19 -6.98 -4.72
N ALA A 26 -30.56 -8.24 -4.60
CA ALA A 26 -31.39 -8.91 -5.58
C ALA A 26 -32.75 -8.22 -5.79
N ASP A 27 -33.39 -7.80 -4.69
CA ASP A 27 -34.66 -7.09 -4.75
C ASP A 27 -34.48 -5.79 -5.54
N ILE A 28 -33.44 -5.02 -5.23
CA ILE A 28 -33.21 -3.77 -5.92
C ILE A 28 -32.98 -3.95 -7.40
N VAL A 29 -32.10 -4.89 -7.81
CA VAL A 29 -31.87 -5.06 -9.23
C VAL A 29 -33.07 -5.73 -9.88
N GLY A 30 -33.82 -6.53 -9.14
CA GLY A 30 -35.00 -7.13 -9.75
C GLY A 30 -34.90 -8.55 -10.24
N VAL A 31 -34.20 -9.38 -9.49
CA VAL A 31 -34.03 -10.81 -9.82
C VAL A 31 -34.25 -11.68 -8.55
N GLN A 32 -34.48 -12.96 -8.77
CA GLN A 32 -34.67 -13.88 -7.68
C GLN A 32 -33.26 -14.41 -7.60
N LEU A 33 -32.79 -14.78 -6.42
CA LEU A 33 -31.44 -15.33 -6.29
C LEU A 33 -31.45 -16.69 -6.98
N GLY A 34 -30.32 -17.06 -7.60
CA GLY A 34 -30.19 -18.32 -8.31
C GLY A 34 -30.42 -19.55 -7.44
N LYS A 35 -30.78 -20.66 -8.10
CA LYS A 35 -31.06 -21.91 -7.42
C LYS A 35 -29.74 -22.65 -7.21
N CYS A 36 -29.18 -22.60 -6.03
CA CYS A 36 -27.94 -23.35 -5.84
C CYS A 36 -28.18 -24.06 -4.53
N SER A 37 -27.32 -25.03 -4.26
CA SER A 37 -27.43 -25.84 -3.07
C SER A 37 -26.10 -25.83 -2.34
N VAL A 38 -26.08 -25.41 -1.08
CA VAL A 38 -24.84 -25.42 -0.31
C VAL A 38 -24.94 -26.34 0.91
N THR A 39 -24.54 -27.57 0.68
CA THR A 39 -24.55 -28.66 1.64
C THR A 39 -23.22 -28.78 2.38
N ARG A 40 -23.26 -29.09 3.67
CA ARG A 40 -22.03 -29.32 4.44
C ARG A 40 -22.29 -30.76 4.91
N PHE A 41 -21.46 -31.72 4.49
CA PHE A 41 -21.64 -33.13 4.89
C PHE A 41 -21.23 -33.26 6.35
N SER A 42 -21.48 -34.42 6.97
CA SER A 42 -21.13 -34.56 8.40
C SER A 42 -19.64 -34.45 8.73
N ASP A 43 -18.77 -34.89 7.83
CA ASP A 43 -17.32 -34.79 8.13
C ASP A 43 -16.71 -33.36 7.94
N GLY A 44 -17.56 -32.39 7.60
CA GLY A 44 -17.09 -31.04 7.41
C GLY A 44 -16.93 -30.55 5.98
N GLU A 45 -16.96 -31.45 5.00
CA GLU A 45 -16.78 -31.02 3.61
C GLU A 45 -18.00 -30.29 3.09
N VAL A 46 -17.79 -29.40 2.12
CA VAL A 46 -18.86 -28.61 1.54
C VAL A 46 -19.15 -29.01 0.11
N GLN A 47 -20.42 -29.07 -0.28
CA GLN A 47 -20.72 -29.29 -1.69
C GLN A 47 -21.81 -28.37 -2.24
N ILE A 48 -21.47 -27.68 -3.31
CA ILE A 48 -22.37 -26.78 -3.96
C ILE A 48 -22.91 -27.54 -5.14
N ASN A 49 -24.18 -27.36 -5.48
CA ASN A 49 -24.78 -27.97 -6.70
C ASN A 49 -25.65 -26.85 -7.26
N ILE A 50 -25.43 -26.52 -8.54
CA ILE A 50 -26.21 -25.46 -9.20
C ILE A 50 -27.50 -26.14 -9.57
N GLU A 51 -28.57 -25.71 -8.93
CA GLU A 51 -29.85 -26.35 -9.16
C GLU A 51 -30.61 -25.99 -10.46
N GLU A 52 -30.00 -25.16 -11.33
CA GLU A 52 -30.57 -24.74 -12.62
C GLU A 52 -29.45 -24.56 -13.68
N SER A 53 -29.77 -24.73 -14.96
CA SER A 53 -28.81 -24.54 -16.04
C SER A 53 -28.40 -23.06 -16.08
N ILE A 54 -27.10 -22.79 -16.07
CA ILE A 54 -26.60 -21.41 -16.14
C ILE A 54 -25.67 -21.20 -17.34
N ARG A 55 -25.74 -22.17 -18.25
CA ARG A 55 -24.98 -22.22 -19.48
C ARG A 55 -25.21 -20.98 -20.29
N GLY A 56 -24.15 -20.21 -20.51
CA GLY A 56 -24.21 -19.01 -21.30
C GLY A 56 -24.59 -17.78 -20.51
N CYS A 57 -24.86 -17.94 -19.21
CA CYS A 57 -25.26 -16.85 -18.35
C CYS A 57 -24.11 -16.10 -17.66
N ASP A 58 -24.34 -14.82 -17.38
CA ASP A 58 -23.36 -14.02 -16.65
C ASP A 58 -23.80 -14.22 -15.20
N CYS A 59 -22.95 -14.82 -14.39
CA CYS A 59 -23.27 -15.10 -12.98
C CYS A 59 -22.56 -14.20 -11.98
N TYR A 60 -23.30 -13.68 -11.03
CA TYR A 60 -22.72 -12.82 -10.01
C TYR A 60 -22.80 -13.59 -8.70
N ILE A 61 -21.74 -13.56 -7.91
CA ILE A 61 -21.77 -14.28 -6.62
C ILE A 61 -21.55 -13.25 -5.55
N ILE A 62 -22.44 -13.20 -4.58
CA ILE A 62 -22.29 -12.26 -3.50
C ILE A 62 -21.76 -12.96 -2.27
N GLN A 63 -20.55 -12.59 -1.87
CA GLN A 63 -19.89 -13.16 -0.71
C GLN A 63 -18.84 -12.27 -0.06
N SER A 64 -19.01 -12.03 1.24
CA SER A 64 -18.04 -11.30 2.03
C SER A 64 -17.20 -12.43 2.58
N THR A 65 -15.91 -12.21 2.71
CA THR A 65 -15.05 -13.26 3.26
C THR A 65 -14.83 -12.97 4.76
N SER A 66 -15.93 -12.90 5.50
CA SER A 66 -15.93 -12.60 6.94
C SER A 66 -15.92 -13.87 7.76
N ASP A 67 -15.87 -13.75 9.06
CA ASP A 67 -15.82 -14.89 10.01
C ASP A 67 -16.86 -15.97 9.69
N PRO A 68 -16.42 -17.21 9.44
CA PRO A 68 -15.04 -17.70 9.38
C PRO A 68 -14.52 -17.47 7.99
N VAL A 69 -13.47 -16.68 7.87
CA VAL A 69 -12.92 -16.40 6.55
C VAL A 69 -12.58 -17.62 5.69
N ASN A 70 -11.98 -18.64 6.29
CA ASN A 70 -11.58 -19.79 5.50
C ASN A 70 -12.72 -20.64 4.98
N GLU A 71 -13.83 -20.65 5.70
CA GLU A 71 -15.00 -21.39 5.21
C GLU A 71 -15.62 -20.59 4.07
N HIS A 72 -15.75 -19.28 4.27
CA HIS A 72 -16.33 -18.41 3.26
C HIS A 72 -15.48 -18.36 2.02
N ILE A 73 -14.17 -18.42 2.18
CA ILE A 73 -13.28 -18.39 1.02
C ILE A 73 -13.43 -19.66 0.19
N MET A 74 -13.45 -20.82 0.88
CA MET A 74 -13.56 -22.08 0.17
C MET A 74 -14.91 -22.29 -0.50
N GLU A 75 -16.02 -21.91 0.14
CA GLU A 75 -17.30 -22.12 -0.51
C GLU A 75 -17.41 -21.23 -1.74
N LEU A 76 -16.77 -20.07 -1.71
CA LEU A 76 -16.78 -19.19 -2.86
C LEU A 76 -15.95 -19.82 -3.98
N LEU A 77 -14.80 -20.36 -3.66
CA LEU A 77 -13.96 -20.96 -4.67
C LEU A 77 -14.58 -22.21 -5.28
N ILE A 78 -15.19 -23.03 -4.45
CA ILE A 78 -15.84 -24.25 -4.91
C ILE A 78 -17.06 -23.89 -5.80
N MET A 79 -17.73 -22.80 -5.49
CA MET A 79 -18.87 -22.41 -6.28
C MET A 79 -18.42 -21.92 -7.65
N VAL A 80 -17.34 -21.16 -7.71
CA VAL A 80 -16.77 -20.67 -8.97
C VAL A 80 -16.37 -21.87 -9.85
N ASP A 81 -15.85 -22.90 -9.20
CA ASP A 81 -15.44 -24.08 -9.91
C ASP A 81 -16.65 -24.76 -10.57
N ALA A 82 -17.75 -24.90 -9.82
CA ALA A 82 -18.98 -25.53 -10.32
C ALA A 82 -19.60 -24.75 -11.49
N LEU A 83 -19.58 -23.41 -11.40
CA LEU A 83 -20.13 -22.55 -12.46
C LEU A 83 -19.22 -22.61 -13.68
N LYS A 84 -17.90 -22.58 -13.49
CA LYS A 84 -16.97 -22.64 -14.61
C LYS A 84 -17.18 -23.95 -15.35
N ARG A 85 -17.27 -25.04 -14.60
CA ARG A 85 -17.47 -26.37 -15.16
C ARG A 85 -18.88 -26.61 -15.72
N ALA A 86 -19.82 -25.73 -15.37
CA ALA A 86 -21.20 -25.81 -15.86
C ALA A 86 -21.42 -24.80 -17.00
N SER A 87 -20.31 -24.32 -17.58
CA SER A 87 -20.30 -23.41 -18.72
C SER A 87 -20.96 -22.04 -18.54
N ALA A 88 -20.63 -21.36 -17.47
CA ALA A 88 -21.17 -20.02 -17.23
C ALA A 88 -20.45 -19.14 -18.23
N LYS A 89 -21.09 -18.06 -18.65
CA LYS A 89 -20.44 -17.17 -19.60
C LYS A 89 -19.39 -16.35 -18.85
N THR A 90 -19.79 -15.79 -17.71
CA THR A 90 -18.88 -15.01 -16.87
C THR A 90 -19.15 -15.32 -15.42
N ILE A 91 -18.12 -15.19 -14.61
CA ILE A 91 -18.22 -15.44 -13.19
C ILE A 91 -17.67 -14.19 -12.48
N ASN A 92 -18.62 -13.35 -12.07
CA ASN A 92 -18.34 -12.05 -11.50
C ASN A 92 -18.49 -12.09 -10.01
N ILE A 93 -17.44 -11.73 -9.30
CA ILE A 93 -17.48 -11.83 -7.85
C ILE A 93 -17.74 -10.50 -7.20
N VAL A 94 -18.76 -10.45 -6.35
CA VAL A 94 -19.10 -9.23 -5.62
C VAL A 94 -18.67 -9.50 -4.20
N ILE A 95 -17.70 -8.71 -3.72
CA ILE A 95 -17.17 -8.86 -2.37
C ILE A 95 -17.35 -7.63 -1.48
N PRO A 96 -18.39 -7.62 -0.65
CA PRO A 96 -18.60 -6.45 0.23
C PRO A 96 -17.45 -6.27 1.22
N TYR A 97 -16.96 -7.36 1.81
CA TYR A 97 -15.82 -7.29 2.73
C TYR A 97 -14.75 -8.28 2.31
N TYR A 98 -13.54 -7.76 2.13
CA TYR A 98 -12.39 -8.54 1.70
C TYR A 98 -11.51 -8.93 2.90
N GLY A 99 -11.70 -10.16 3.36
CA GLY A 99 -10.91 -10.69 4.46
C GLY A 99 -9.46 -10.85 4.05
N TYR A 100 -8.56 -10.87 5.04
CA TYR A 100 -7.11 -11.01 4.86
C TYR A 100 -6.50 -9.79 4.16
N ALA A 101 -7.28 -8.72 4.08
CA ALA A 101 -6.82 -7.49 3.44
C ALA A 101 -5.76 -6.84 4.28
N ARG A 102 -5.69 -7.16 5.55
CA ARG A 102 -4.63 -6.55 6.38
C ARG A 102 -3.31 -7.28 6.20
N GLN A 103 -3.35 -8.45 5.56
CA GLN A 103 -2.13 -9.23 5.23
C GLN A 103 -1.74 -8.82 3.79
N ASP A 104 -1.34 -7.56 3.64
CA ASP A 104 -1.01 -6.97 2.35
C ASP A 104 0.47 -6.60 2.16
N ARG A 105 1.28 -6.95 3.13
CA ARG A 105 2.70 -6.67 3.00
C ARG A 105 3.46 -7.62 3.95
N LYS A 106 4.75 -7.81 3.71
CA LYS A 106 5.52 -8.67 4.61
C LYS A 106 6.11 -7.71 5.68
N SER A 109 7.80 -10.87 10.17
CA SER A 109 8.90 -10.79 9.15
C SER A 109 9.03 -11.98 8.19
N ARG A 110 8.49 -13.16 8.54
CA ARG A 110 8.52 -14.24 7.52
C ARG A 110 7.08 -14.64 7.31
N GLU A 111 6.30 -13.61 6.99
CA GLU A 111 4.87 -13.71 6.78
C GLU A 111 4.42 -13.91 5.33
N PRO A 112 3.18 -14.38 5.14
CA PRO A 112 2.67 -14.59 3.79
C PRO A 112 2.05 -13.23 3.39
N ILE A 113 1.56 -13.10 2.16
CA ILE A 113 0.83 -11.89 1.78
C ILE A 113 -0.51 -12.47 1.34
N THR A 114 -1.29 -12.90 2.32
CA THR A 114 -2.56 -13.54 2.09
C THR A 114 -3.54 -12.77 1.20
N ALA A 115 -3.49 -11.44 1.20
CA ALA A 115 -4.38 -10.66 0.34
C ALA A 115 -4.06 -10.97 -1.11
N LYS A 116 -2.79 -11.23 -1.40
CA LYS A 116 -2.32 -11.58 -2.73
C LYS A 116 -2.61 -13.05 -3.06
N LEU A 117 -2.43 -13.94 -2.10
CA LEU A 117 -2.69 -15.36 -2.29
C LEU A 117 -4.15 -15.58 -2.69
N PHE A 118 -5.07 -14.95 -1.98
CA PHE A 118 -6.50 -15.07 -2.25
C PHE A 118 -6.82 -14.63 -3.67
N ALA A 119 -6.25 -13.49 -4.06
CA ALA A 119 -6.43 -12.93 -5.39
C ALA A 119 -6.03 -13.98 -6.43
N ASN A 120 -4.83 -14.54 -6.28
CA ASN A 120 -4.34 -15.59 -7.20
C ASN A 120 -5.27 -16.80 -7.16
N LEU A 121 -5.75 -17.18 -5.98
CA LEU A 121 -6.63 -18.33 -5.84
C LEU A 121 -7.94 -18.15 -6.61
N LEU A 122 -8.49 -16.94 -6.49
CA LEU A 122 -9.74 -16.54 -7.14
C LEU A 122 -9.65 -16.62 -8.65
N GLU A 123 -8.57 -16.11 -9.22
CA GLU A 123 -8.36 -16.18 -10.65
C GLU A 123 -8.17 -17.63 -11.10
N THR A 124 -7.41 -18.40 -10.32
CA THR A 124 -7.15 -19.80 -10.63
C THR A 124 -8.45 -20.61 -10.70
N ALA A 125 -9.37 -20.33 -9.77
CA ALA A 125 -10.65 -21.01 -9.69
C ALA A 125 -11.55 -20.68 -10.87
N GLY A 126 -11.31 -19.55 -11.54
CA GLY A 126 -12.12 -19.20 -12.70
C GLY A 126 -12.84 -17.86 -12.71
N ALA A 127 -12.57 -16.98 -11.75
CA ALA A 127 -13.26 -15.69 -11.68
C ALA A 127 -13.01 -14.78 -12.87
N THR A 128 -14.04 -14.09 -13.32
CA THR A 128 -13.96 -13.19 -14.46
C THR A 128 -13.57 -11.79 -14.11
N ARG A 129 -14.20 -11.29 -13.05
CA ARG A 129 -13.97 -9.95 -12.55
C ARG A 129 -14.49 -9.86 -11.11
N VAL A 130 -14.14 -8.76 -10.46
CA VAL A 130 -14.47 -8.51 -9.08
C VAL A 130 -15.02 -7.12 -8.88
N ILE A 131 -15.93 -6.98 -7.94
CA ILE A 131 -16.47 -5.68 -7.54
C ILE A 131 -16.16 -5.72 -6.05
N ALA A 132 -15.44 -4.70 -5.58
CA ALA A 132 -15.02 -4.65 -4.18
C ALA A 132 -15.41 -3.34 -3.56
N LEU A 133 -15.41 -3.34 -2.23
CA LEU A 133 -15.79 -2.16 -1.44
C LEU A 133 -14.79 -1.92 -0.33
N ASP A 134 -14.16 -0.75 -0.39
CA ASP A 134 -13.19 -0.34 0.62
C ASP A 134 -12.16 -1.37 1.02
N LEU A 135 -11.24 -1.70 0.12
CA LEU A 135 -10.15 -2.64 0.40
C LEU A 135 -9.24 -1.96 1.42
N HIS A 136 -8.62 -2.72 2.32
CA HIS A 136 -7.74 -2.12 3.34
C HIS A 136 -6.70 -1.19 2.75
N ALA A 137 -6.21 -1.54 1.57
CA ALA A 137 -5.23 -0.73 0.87
C ALA A 137 -5.61 -0.67 -0.59
N PRO A 138 -5.59 0.55 -1.18
CA PRO A 138 -5.93 0.77 -2.59
C PRO A 138 -5.03 -0.05 -3.53
N GLN A 139 -3.80 -0.34 -3.12
CA GLN A 139 -2.92 -1.15 -3.97
C GLN A 139 -3.29 -2.63 -4.06
N ILE A 140 -4.29 -3.03 -3.28
CA ILE A 140 -4.77 -4.40 -3.32
C ILE A 140 -5.50 -4.61 -4.67
N GLN A 141 -5.87 -3.53 -5.34
CA GLN A 141 -6.50 -3.60 -6.65
C GLN A 141 -5.49 -4.15 -7.62
N GLY A 142 -4.24 -3.74 -7.41
CA GLY A 142 -3.14 -4.19 -8.22
C GLY A 142 -2.76 -5.64 -7.97
N PHE A 143 -3.37 -6.30 -6.99
CA PHE A 143 -3.09 -7.71 -6.73
C PHE A 143 -3.78 -8.61 -7.78
N PHE A 144 -4.72 -8.02 -8.52
CA PHE A 144 -5.47 -8.74 -9.54
C PHE A 144 -5.03 -8.42 -10.94
N ASP A 145 -5.26 -9.34 -11.85
CA ASP A 145 -4.98 -9.10 -13.27
C ASP A 145 -6.27 -9.20 -14.07
N ILE A 146 -7.34 -9.57 -13.38
CA ILE A 146 -8.65 -9.61 -13.98
C ILE A 146 -9.22 -8.24 -13.59
N PRO A 147 -10.22 -7.73 -14.31
CA PRO A 147 -10.79 -6.43 -13.97
C PRO A 147 -11.38 -6.36 -12.57
N ILE A 148 -11.18 -5.23 -11.90
CA ILE A 148 -11.74 -5.01 -10.57
C ILE A 148 -12.20 -3.57 -10.48
N ASP A 149 -13.43 -3.37 -10.02
CA ASP A 149 -14.03 -2.06 -9.86
C ASP A 149 -14.14 -1.88 -8.35
N HIS A 150 -13.42 -0.89 -7.84
CA HIS A 150 -13.36 -0.62 -6.41
C HIS A 150 -14.29 0.52 -5.95
N LEU A 151 -15.28 0.16 -5.15
CA LEU A 151 -16.24 1.10 -4.61
C LEU A 151 -15.76 1.63 -3.24
N MET A 152 -16.10 2.87 -2.92
CA MET A 152 -15.69 3.49 -1.66
C MET A 152 -16.88 3.63 -0.74
N GLY A 153 -16.64 3.48 0.56
CA GLY A 153 -17.69 3.62 1.55
C GLY A 153 -17.63 4.97 2.28
N VAL A 154 -16.47 5.65 2.24
CA VAL A 154 -16.33 6.93 2.92
C VAL A 154 -17.46 7.92 2.57
N PRO A 155 -17.87 8.00 1.30
CA PRO A 155 -18.95 8.94 0.98
C PRO A 155 -20.24 8.62 1.74
N ILE A 156 -20.51 7.34 1.99
CA ILE A 156 -21.72 6.95 2.71
C ILE A 156 -21.72 7.34 4.19
N LEU A 157 -20.57 7.17 4.83
CA LEU A 157 -20.42 7.52 6.24
C LEU A 157 -20.39 9.04 6.34
N GLY A 158 -19.76 9.68 5.36
CA GLY A 158 -19.62 11.11 5.34
C GLY A 158 -20.95 11.83 5.20
N GLU A 159 -21.88 11.25 4.45
CA GLU A 159 -23.20 11.84 4.28
C GLU A 159 -23.97 11.87 5.60
N TYR A 160 -23.93 10.76 6.31
CA TYR A 160 -24.64 10.66 7.56
C TYR A 160 -24.17 11.71 8.58
N PHE A 161 -22.87 11.94 8.64
CA PHE A 161 -22.32 12.91 9.59
C PHE A 161 -22.61 14.33 9.21
N GLU A 162 -22.66 14.56 7.91
CA GLU A 162 -22.95 15.85 7.33
C GLU A 162 -24.37 16.27 7.70
N GLY A 163 -25.22 15.26 7.92
CA GLY A 163 -26.60 15.49 8.29
C GLY A 163 -26.84 15.63 9.77
N LYS A 164 -25.89 15.16 10.59
CA LYS A 164 -25.99 15.32 12.03
C LYS A 164 -25.51 16.75 12.21
N ASN A 165 -26.16 17.47 13.09
CA ASN A 165 -25.82 18.87 13.25
C ASN A 165 -24.90 18.95 14.46
N LEU A 166 -23.65 18.65 14.09
CA LEU A 166 -22.48 18.58 14.95
C LEU A 166 -21.65 19.86 14.81
N GLU A 167 -21.38 20.48 15.94
CA GLU A 167 -20.59 21.70 15.94
C GLU A 167 -19.13 21.35 16.28
N ASP A 168 -18.18 22.14 15.77
CA ASP A 168 -16.79 21.92 16.16
C ASP A 168 -16.25 20.51 15.99
N ILE A 169 -16.04 20.07 14.76
CA ILE A 169 -15.57 18.71 14.62
C ILE A 169 -14.13 18.60 14.16
N VAL A 170 -13.52 17.50 14.58
CA VAL A 170 -12.16 17.19 14.19
C VAL A 170 -12.17 15.67 13.86
N ILE A 171 -11.66 15.30 12.70
CA ILE A 171 -11.62 13.89 12.37
C ILE A 171 -10.34 13.34 12.99
N VAL A 172 -10.44 12.17 13.59
CA VAL A 172 -9.30 11.55 14.23
C VAL A 172 -8.90 10.20 13.63
N SER A 173 -7.63 10.08 13.24
CA SER A 173 -7.12 8.82 12.74
C SER A 173 -6.61 8.04 13.96
N PRO A 174 -7.13 6.84 14.21
CA PRO A 174 -6.72 6.03 15.37
C PRO A 174 -5.23 5.64 15.34
N ASP A 175 -4.56 5.87 14.19
CA ASP A 175 -3.12 5.58 14.01
C ASP A 175 -2.39 6.20 12.80
N HIS A 176 -1.13 5.79 12.63
CA HIS A 176 -0.30 6.31 11.57
C HIS A 176 -0.76 5.88 10.20
N GLY A 177 -1.38 4.72 10.09
CA GLY A 177 -1.81 4.26 8.78
C GLY A 177 -3.16 4.77 8.32
N GLY A 178 -3.91 5.43 9.20
CA GLY A 178 -5.24 5.91 8.83
C GLY A 178 -5.46 7.39 8.50
N VAL A 179 -4.38 8.13 8.42
CA VAL A 179 -4.43 9.56 8.13
C VAL A 179 -5.05 9.91 6.78
N THR A 180 -4.74 9.13 5.74
CA THR A 180 -5.29 9.40 4.42
C THR A 180 -6.78 9.24 4.42
N ARG A 181 -7.25 8.22 5.10
CA ARG A 181 -8.68 7.99 5.17
C ARG A 181 -9.33 9.11 5.96
N ALA A 182 -8.69 9.48 7.06
CA ALA A 182 -9.20 10.53 7.94
C ALA A 182 -9.39 11.80 7.17
N ARG A 183 -8.40 12.08 6.32
CA ARG A 183 -8.44 13.31 5.56
C ARG A 183 -9.50 13.33 4.47
N LYS A 184 -9.84 12.19 3.90
CA LYS A 184 -10.89 12.17 2.90
C LYS A 184 -12.19 12.54 3.62
N LEU A 185 -12.36 12.06 4.85
CA LEU A 185 -13.56 12.41 5.61
C LEU A 185 -13.52 13.88 6.06
N ALA A 186 -12.33 14.36 6.43
CA ALA A 186 -12.20 15.75 6.87
C ALA A 186 -12.40 16.71 5.71
N ASP A 187 -12.10 16.25 4.50
CA ASP A 187 -12.31 17.10 3.31
C ASP A 187 -13.80 17.21 3.10
N ARG A 188 -14.49 16.08 3.05
CA ARG A 188 -15.93 16.07 2.88
C ARG A 188 -16.64 16.87 3.96
N LEU A 189 -16.12 16.89 5.16
CA LEU A 189 -16.82 17.62 6.21
C LEU A 189 -16.26 19.00 6.54
N LYS A 190 -15.19 19.41 5.86
CA LYS A 190 -14.55 20.71 6.09
C LYS A 190 -14.01 20.77 7.52
N ALA A 191 -13.40 19.69 7.98
CA ALA A 191 -12.92 19.68 9.34
C ALA A 191 -11.44 19.42 9.41
N PRO A 192 -10.80 19.79 10.53
CA PRO A 192 -9.37 19.58 10.74
C PRO A 192 -9.15 18.14 11.18
N ILE A 193 -7.90 17.67 11.16
CA ILE A 193 -7.61 16.31 11.57
C ILE A 193 -6.62 16.30 12.72
N ALA A 194 -6.72 15.26 13.54
CA ALA A 194 -5.84 15.02 14.69
C ALA A 194 -5.51 13.54 14.54
N ILE A 195 -4.45 13.05 15.16
CA ILE A 195 -4.17 11.62 15.03
C ILE A 195 -3.69 11.13 16.39
N ILE A 196 -3.86 9.83 16.66
CA ILE A 196 -3.41 9.20 17.90
C ILE A 196 -2.08 8.60 17.52
N ASP A 197 -1.07 8.81 18.35
CA ASP A 197 0.32 8.34 18.12
C ASP A 197 0.69 7.42 19.27
N LYS A 198 0.23 6.16 19.18
CA LYS A 198 0.53 5.19 20.22
C LYS A 198 1.88 4.69 19.79
N ARG A 199 2.83 4.87 20.69
CA ARG A 199 4.22 4.55 20.40
C ARG A 199 4.67 3.51 21.39
N MET A 209 0.73 6.42 24.10
CA MET A 209 -0.44 6.83 23.27
C MET A 209 -0.64 8.34 23.31
N ASN A 210 -0.02 9.09 22.40
CA ASN A 210 -0.19 10.56 22.42
C ASN A 210 -1.18 11.09 21.37
N ILE A 211 -1.85 12.19 21.71
CA ILE A 211 -2.81 12.83 20.79
C ILE A 211 -2.13 13.97 20.04
N VAL A 212 -1.93 13.80 18.74
CA VAL A 212 -1.26 14.83 17.93
C VAL A 212 -2.31 15.65 17.25
N GLY A 213 -2.44 16.91 17.67
CA GLY A 213 -3.44 17.79 17.10
C GLY A 213 -4.39 18.38 18.15
N ASN A 214 -5.09 19.43 17.75
CA ASN A 214 -6.01 20.11 18.65
C ASN A 214 -7.43 19.48 18.77
N ILE A 215 -7.79 19.00 19.95
CA ILE A 215 -9.09 18.36 20.15
C ILE A 215 -9.89 18.90 21.35
N GLU A 216 -9.42 20.02 21.89
CA GLU A 216 -9.99 20.67 23.06
C GLU A 216 -11.36 21.23 22.79
N GLY A 217 -12.36 20.70 23.47
CA GLY A 217 -13.71 21.18 23.26
C GLY A 217 -14.36 20.67 21.97
N LYS A 218 -13.58 20.01 21.12
CA LYS A 218 -14.11 19.52 19.88
C LYS A 218 -14.88 18.21 19.97
N THR A 219 -15.74 18.02 18.96
CA THR A 219 -16.52 16.81 18.77
C THR A 219 -15.64 15.98 17.81
N ALA A 220 -15.14 14.88 18.35
CA ALA A 220 -14.25 14.00 17.60
C ALA A 220 -14.97 12.87 16.89
N ILE A 221 -14.54 12.59 15.68
CA ILE A 221 -15.07 11.47 14.94
C ILE A 221 -13.88 10.61 14.61
N LEU A 222 -13.83 9.46 15.26
CA LEU A 222 -12.78 8.49 15.06
C LEU A 222 -13.18 7.66 13.85
N ILE A 223 -12.30 7.55 12.85
CA ILE A 223 -12.63 6.75 11.65
C ILE A 223 -11.58 5.71 11.28
N ASP A 224 -12.06 4.53 10.88
CA ASP A 224 -11.22 3.43 10.43
C ASP A 224 -11.99 2.65 9.38
N ASP A 225 -11.31 1.76 8.68
CA ASP A 225 -11.98 0.95 7.66
C ASP A 225 -12.64 -0.26 8.32
N ILE A 226 -11.91 -0.85 9.25
CA ILE A 226 -12.35 -2.03 9.94
C ILE A 226 -12.31 -1.85 11.46
N ILE A 227 -13.36 -2.29 12.14
CA ILE A 227 -13.37 -2.27 13.59
C ILE A 227 -13.47 -3.75 13.98
N ASP A 228 -12.33 -4.29 14.44
CA ASP A 228 -12.23 -5.70 14.81
C ASP A 228 -12.51 -5.93 16.32
N THR A 229 -11.45 -5.96 17.13
CA THR A 229 -11.62 -6.19 18.57
C THR A 229 -12.00 -4.87 19.25
N ALA A 230 -11.87 -3.77 18.52
CA ALA A 230 -12.24 -2.49 19.05
C ALA A 230 -11.33 -1.97 20.19
N GLY A 231 -10.21 -2.64 20.43
CA GLY A 231 -9.32 -2.17 21.46
C GLY A 231 -8.79 -0.80 21.05
N THR A 232 -8.26 -0.74 19.84
CA THR A 232 -7.68 0.49 19.32
C THR A 232 -8.64 1.67 19.43
N ILE A 233 -9.87 1.47 18.94
CA ILE A 233 -10.91 2.52 18.91
C ILE A 233 -11.43 2.98 20.26
N THR A 234 -11.70 2.04 21.15
CA THR A 234 -12.21 2.39 22.47
C THR A 234 -11.08 3.09 23.26
N LEU A 235 -9.87 2.60 23.14
CA LEU A 235 -8.76 3.26 23.84
C LEU A 235 -8.60 4.69 23.29
N ALA A 236 -8.59 4.82 21.97
CA ALA A 236 -8.45 6.17 21.41
C ALA A 236 -9.58 7.06 21.98
N ALA A 237 -10.82 6.55 21.94
CA ALA A 237 -11.99 7.27 22.45
C ALA A 237 -11.81 7.75 23.90
N ASN A 238 -11.30 6.85 24.77
CA ASN A 238 -11.07 7.18 26.19
C ASN A 238 -10.02 8.28 26.26
N ALA A 239 -8.97 8.15 25.46
CA ALA A 239 -7.91 9.14 25.46
C ALA A 239 -8.43 10.50 24.98
N LEU A 240 -9.33 10.51 24.01
CA LEU A 240 -9.80 11.80 23.50
C LEU A 240 -10.54 12.54 24.60
N VAL A 241 -11.48 11.82 25.22
CA VAL A 241 -12.30 12.37 26.30
C VAL A 241 -11.49 12.88 27.52
N GLU A 242 -10.38 12.24 27.84
CA GLU A 242 -9.63 12.80 28.96
C GLU A 242 -8.59 13.79 28.50
N ASN A 243 -8.73 14.25 27.26
CA ASN A 243 -7.81 15.25 26.81
C ASN A 243 -8.59 16.47 26.31
N GLY A 244 -9.85 16.56 26.73
CA GLY A 244 -10.67 17.71 26.38
C GLY A 244 -11.79 17.67 25.34
N ALA A 245 -11.88 16.57 24.60
CA ALA A 245 -12.91 16.39 23.57
C ALA A 245 -14.31 16.51 24.17
N LYS A 246 -15.18 17.29 23.52
CA LYS A 246 -16.56 17.46 23.98
C LYS A 246 -17.30 16.11 23.84
N GLU A 247 -17.14 15.45 22.71
CA GLU A 247 -17.75 14.12 22.53
C GLU A 247 -17.05 13.36 21.42
N VAL A 248 -17.19 12.04 21.49
CA VAL A 248 -16.59 11.11 20.55
C VAL A 248 -17.61 10.21 19.85
N TYR A 249 -17.50 10.21 18.52
CA TYR A 249 -18.29 9.40 17.60
C TYR A 249 -17.26 8.46 17.00
N ALA A 250 -17.70 7.36 16.43
CA ALA A 250 -16.77 6.42 15.82
C ALA A 250 -17.44 5.73 14.65
N CYS A 251 -16.71 5.54 13.54
CA CYS A 251 -17.25 4.85 12.36
C CYS A 251 -16.21 4.01 11.62
N CYS A 252 -16.72 3.05 10.87
CA CYS A 252 -15.89 2.19 10.05
C CYS A 252 -16.83 1.67 8.98
N THR A 253 -16.27 1.11 7.91
CA THR A 253 -17.06 0.57 6.84
C THR A 253 -17.41 -0.85 7.19
N HIS A 254 -16.40 -1.61 7.61
CA HIS A 254 -16.54 -3.05 7.92
C HIS A 254 -16.61 -3.37 9.38
N PRO A 255 -17.78 -3.83 9.85
CA PRO A 255 -17.87 -4.15 11.27
C PRO A 255 -17.46 -5.61 11.57
N VAL A 256 -16.17 -5.87 11.75
CA VAL A 256 -15.73 -7.25 12.06
C VAL A 256 -16.15 -7.58 13.49
N LEU A 257 -15.98 -6.64 14.41
CA LEU A 257 -16.45 -6.81 15.80
C LEU A 257 -16.34 -8.24 16.36
N SER A 258 -15.13 -8.73 16.59
CA SER A 258 -14.94 -10.07 17.09
C SER A 258 -14.57 -10.02 18.56
N GLY A 259 -14.55 -11.18 19.22
CA GLY A 259 -14.19 -11.23 20.64
C GLY A 259 -15.00 -10.28 21.50
N PRO A 260 -14.34 -9.54 22.40
CA PRO A 260 -15.02 -8.59 23.29
C PRO A 260 -15.38 -7.23 22.65
N ALA A 261 -15.24 -7.12 21.31
CA ALA A 261 -15.51 -5.86 20.60
C ALA A 261 -16.75 -5.14 21.12
N VAL A 262 -17.89 -5.80 20.99
CA VAL A 262 -19.16 -5.24 21.41
C VAL A 262 -19.20 -4.64 22.84
N GLU A 263 -18.75 -5.42 23.84
CA GLU A 263 -18.71 -5.00 25.25
C GLU A 263 -17.86 -3.76 25.41
N ARG A 264 -16.69 -3.82 24.80
CA ARG A 264 -15.75 -2.70 24.87
C ARG A 264 -16.36 -1.42 24.34
N ILE A 265 -17.20 -1.56 23.31
CA ILE A 265 -17.86 -0.39 22.71
C ILE A 265 -19.02 0.11 23.56
N ASN A 266 -19.78 -0.80 24.15
CA ASN A 266 -20.90 -0.41 24.99
C ASN A 266 -20.49 0.35 26.23
N ASN A 267 -19.32 0.01 26.77
CA ASN A 267 -18.79 0.70 27.96
C ASN A 267 -17.92 1.88 27.62
N SER A 268 -17.57 2.04 26.36
CA SER A 268 -16.72 3.16 26.00
C SER A 268 -17.45 4.51 26.11
N THR A 269 -16.72 5.58 25.81
CA THR A 269 -17.27 6.93 25.84
C THR A 269 -17.85 7.28 24.47
N ILE A 270 -17.83 6.31 23.54
CA ILE A 270 -18.33 6.51 22.16
C ILE A 270 -19.81 6.79 22.12
N LYS A 271 -20.18 8.02 21.77
CA LYS A 271 -21.59 8.40 21.71
C LYS A 271 -22.45 7.52 20.81
N GLU A 272 -21.98 7.28 19.59
CA GLU A 272 -22.71 6.43 18.64
C GLU A 272 -21.68 5.79 17.71
N LEU A 273 -21.87 4.53 17.35
CA LEU A 273 -20.96 3.85 16.42
C LEU A 273 -21.73 3.68 15.11
N VAL A 274 -21.15 4.11 13.99
CA VAL A 274 -21.81 4.01 12.69
C VAL A 274 -21.02 3.03 11.82
N VAL A 275 -21.70 2.01 11.29
CA VAL A 275 -21.06 0.98 10.43
C VAL A 275 -21.93 0.75 9.21
N THR A 276 -21.45 -0.02 8.25
CA THR A 276 -22.27 -0.34 7.09
C THR A 276 -22.62 -1.84 7.27
N ASN A 277 -23.45 -2.39 6.39
CA ASN A 277 -23.82 -3.80 6.47
C ASN A 277 -23.00 -4.71 5.54
N SER A 278 -21.71 -4.40 5.31
CA SER A 278 -20.88 -5.23 4.46
C SER A 278 -20.61 -6.58 5.12
N ILE A 279 -20.74 -6.62 6.44
CA ILE A 279 -20.55 -7.85 7.24
C ILE A 279 -21.79 -7.97 8.10
N LYS A 280 -22.33 -9.19 8.15
CA LYS A 280 -23.52 -9.54 8.93
C LYS A 280 -23.19 -9.25 10.42
N LEU A 281 -24.16 -8.72 11.17
CA LEU A 281 -23.92 -8.38 12.57
C LEU A 281 -24.07 -9.60 13.48
N PRO A 282 -23.25 -9.66 14.57
CA PRO A 282 -23.37 -10.81 15.46
C PRO A 282 -24.81 -10.94 15.92
N GLU A 283 -25.40 -12.09 15.55
CA GLU A 283 -26.76 -12.42 15.95
C GLU A 283 -26.75 -12.20 17.49
N GLU A 284 -25.69 -12.73 18.07
CA GLU A 284 -25.43 -12.72 19.52
C GLU A 284 -25.50 -11.40 20.28
N LYS A 285 -24.34 -10.74 20.38
CA LYS A 285 -24.16 -9.50 21.12
C LYS A 285 -24.78 -8.21 20.47
N LYS A 286 -25.39 -7.35 21.31
CA LYS A 286 -26.03 -6.07 20.82
C LYS A 286 -25.30 -4.75 21.16
N ILE A 287 -25.23 -3.85 20.18
CA ILE A 287 -24.59 -2.55 20.42
C ILE A 287 -25.65 -1.52 20.85
N GLU A 288 -25.40 -0.85 21.98
CA GLU A 288 -26.39 0.12 22.45
C GLU A 288 -26.56 1.38 21.61
N ARG A 289 -25.51 2.19 21.47
CA ARG A 289 -25.60 3.38 20.66
C ARG A 289 -25.00 3.11 19.28
N PHE A 290 -25.84 2.74 18.33
CA PHE A 290 -25.36 2.34 17.03
C PHE A 290 -26.26 2.66 15.86
N LYS A 291 -25.66 2.84 14.69
CA LYS A 291 -26.38 3.12 13.46
C LYS A 291 -25.73 2.33 12.31
N GLN A 292 -26.52 1.56 11.57
CA GLN A 292 -25.96 0.76 10.45
C GLN A 292 -26.48 1.25 9.12
N LEU A 293 -25.59 1.66 8.22
CA LEU A 293 -25.98 2.16 6.90
C LEU A 293 -25.83 1.02 5.87
N SER A 294 -26.67 1.00 4.85
CA SER A 294 -26.61 -0.04 3.86
C SER A 294 -25.84 0.29 2.60
N VAL A 295 -25.00 -0.65 2.19
CA VAL A 295 -24.26 -0.53 0.96
C VAL A 295 -25.09 -1.28 -0.09
N GLY A 296 -26.24 -1.80 0.32
CA GLY A 296 -27.11 -2.51 -0.59
C GLY A 296 -27.36 -1.74 -1.88
N PRO A 297 -27.84 -0.47 -1.83
CA PRO A 297 -28.10 0.26 -3.07
C PRO A 297 -26.84 0.48 -3.94
N LEU A 298 -25.72 0.75 -3.29
CA LEU A 298 -24.46 0.96 -4.00
C LEU A 298 -24.08 -0.27 -4.82
N LEU A 299 -24.07 -1.43 -4.17
CA LEU A 299 -23.69 -2.64 -4.88
C LEU A 299 -24.68 -3.03 -5.95
N ALA A 300 -25.98 -2.93 -5.68
CA ALA A 300 -27.02 -3.26 -6.69
C ALA A 300 -26.82 -2.42 -7.93
N GLU A 301 -26.56 -1.13 -7.72
CA GLU A 301 -26.31 -0.20 -8.81
C GLU A 301 -25.02 -0.50 -9.57
N ALA A 302 -23.96 -0.89 -8.85
CA ALA A 302 -22.67 -1.21 -9.48
C ALA A 302 -22.82 -2.47 -10.31
N ILE A 303 -23.58 -3.44 -9.80
CA ILE A 303 -23.86 -4.67 -10.54
C ILE A 303 -24.57 -4.34 -11.88
N ILE A 304 -25.61 -3.53 -11.83
CA ILE A 304 -26.31 -3.16 -13.06
C ILE A 304 -25.38 -2.48 -14.07
N ARG A 305 -24.62 -1.49 -13.65
CA ARG A 305 -23.72 -0.78 -14.57
C ARG A 305 -22.61 -1.67 -15.13
N VAL A 306 -22.12 -2.62 -14.34
CA VAL A 306 -21.08 -3.51 -14.83
C VAL A 306 -21.70 -4.43 -15.88
N HIS A 307 -22.84 -5.00 -15.55
CA HIS A 307 -23.51 -5.91 -16.46
C HIS A 307 -23.96 -5.23 -17.73
N GLU A 308 -24.47 -4.01 -17.63
CA GLU A 308 -24.95 -3.28 -18.79
C GLU A 308 -23.92 -2.42 -19.42
N GLN A 309 -22.71 -2.44 -18.87
CA GLN A 309 -21.61 -1.67 -19.41
C GLN A 309 -21.79 -0.16 -19.45
N GLN A 310 -22.34 0.37 -18.36
CA GLN A 310 -22.50 1.79 -18.19
C GLN A 310 -21.24 2.21 -17.48
N SER A 311 -21.15 3.47 -17.09
CA SER A 311 -19.97 3.95 -16.42
C SER A 311 -20.07 3.72 -14.93
N VAL A 312 -19.13 2.96 -14.38
CA VAL A 312 -19.16 2.69 -12.96
C VAL A 312 -18.57 3.86 -12.20
N SER A 313 -17.57 4.51 -12.78
CA SER A 313 -16.94 5.66 -12.14
C SER A 313 -17.88 6.85 -11.95
N TYR A 314 -19.05 6.81 -12.58
CA TYR A 314 -20.03 7.87 -12.38
C TYR A 314 -20.45 7.81 -10.92
N LEU A 315 -20.28 6.65 -10.30
CA LEU A 315 -20.63 6.45 -8.89
C LEU A 315 -19.70 7.17 -7.85
N PHE A 316 -18.52 7.63 -8.27
CA PHE A 316 -17.58 8.29 -7.36
C PHE A 316 -17.69 9.85 -7.38
N SER A 317 -18.33 10.39 -8.43
CA SER A 317 -18.56 11.87 -8.63
C SER A 317 -19.58 12.05 -9.76
N SER B 2 37.01 -6.34 -7.66
CA SER B 2 37.93 -6.65 -6.52
C SER B 2 38.20 -8.15 -6.15
N ASN B 3 38.28 -9.02 -7.18
CA ASN B 3 38.61 -10.49 -7.19
C ASN B 3 38.55 -11.44 -5.94
N GLN B 4 38.71 -10.84 -4.77
CA GLN B 4 38.74 -11.50 -3.47
C GLN B 4 37.59 -12.37 -2.95
N TYR B 5 36.43 -12.36 -3.60
CA TYR B 5 35.29 -13.15 -3.12
C TYR B 5 35.42 -14.69 -3.15
N GLY B 6 36.02 -15.28 -4.17
CA GLY B 6 36.17 -16.74 -4.09
C GLY B 6 35.00 -17.67 -4.39
N ASP B 7 34.02 -17.13 -5.13
CA ASP B 7 32.88 -17.92 -5.59
C ASP B 7 32.75 -17.36 -7.00
N LYS B 8 33.54 -17.94 -7.89
CA LYS B 8 33.56 -17.55 -9.30
C LYS B 8 32.14 -17.66 -9.87
N ASN B 9 31.25 -18.30 -9.10
CA ASN B 9 29.84 -18.47 -9.49
C ASN B 9 28.89 -17.33 -9.23
N LEU B 10 29.39 -16.23 -8.64
CA LEU B 10 28.59 -15.05 -8.35
C LEU B 10 29.01 -14.02 -9.39
N LYS B 11 28.05 -13.61 -10.22
CA LYS B 11 28.31 -12.62 -11.27
C LYS B 11 27.48 -11.38 -10.98
N ILE B 12 28.03 -10.20 -11.24
CA ILE B 12 27.28 -8.97 -11.00
C ILE B 12 27.39 -8.07 -12.23
N PHE B 13 26.25 -7.62 -12.74
CA PHE B 13 26.20 -6.77 -13.90
C PHE B 13 25.63 -5.42 -13.61
N SER B 14 26.09 -4.43 -14.33
CA SER B 14 25.58 -3.09 -14.15
C SER B 14 24.99 -2.62 -15.49
N LEU B 15 23.85 -1.95 -15.44
CA LEU B 15 23.26 -1.39 -16.65
C LEU B 15 23.59 0.10 -16.51
N ASN B 16 22.87 0.96 -17.23
CA ASN B 16 23.17 2.39 -17.21
C ASN B 16 22.56 3.28 -16.18
N SER B 17 21.67 2.80 -15.36
CA SER B 17 21.08 3.73 -14.44
C SER B 17 22.02 4.28 -13.38
N ASN B 18 22.78 3.42 -12.72
CA ASN B 18 23.65 3.89 -11.68
C ASN B 18 24.95 3.09 -11.59
N PRO B 19 25.79 3.23 -12.63
CA PRO B 19 27.07 2.52 -12.69
C PRO B 19 27.99 2.74 -11.48
N GLU B 20 28.03 3.95 -10.90
CA GLU B 20 28.88 4.19 -9.74
C GLU B 20 28.48 3.36 -8.55
N LEU B 21 27.19 3.30 -8.28
CA LEU B 21 26.65 2.50 -7.15
C LEU B 21 26.90 1.07 -7.42
N ALA B 22 26.68 0.67 -8.66
CA ALA B 22 26.89 -0.71 -9.04
C ALA B 22 28.37 -1.10 -8.85
N LYS B 23 29.28 -0.19 -9.19
CA LYS B 23 30.72 -0.45 -9.06
C LYS B 23 31.11 -0.61 -7.58
N GLU B 24 30.57 0.25 -6.75
CA GLU B 24 30.81 0.23 -5.31
C GLU B 24 30.37 -1.10 -4.65
N ILE B 25 29.18 -1.56 -5.03
CA ILE B 25 28.63 -2.79 -4.52
C ILE B 25 29.57 -3.94 -4.91
N ALA B 26 29.90 -4.04 -6.20
CA ALA B 26 30.78 -5.10 -6.70
C ALA B 26 32.12 -5.10 -6.00
N ASP B 27 32.68 -3.91 -5.81
CA ASP B 27 33.96 -3.74 -5.13
C ASP B 27 33.88 -4.29 -3.74
N ILE B 28 32.80 -3.97 -3.03
CA ILE B 28 32.62 -4.40 -1.65
C ILE B 28 32.47 -5.89 -1.55
N VAL B 29 31.65 -6.44 -2.44
CA VAL B 29 31.43 -7.88 -2.47
C VAL B 29 32.77 -8.57 -2.69
N GLY B 30 33.54 -8.07 -3.66
CA GLY B 30 34.82 -8.65 -3.97
C GLY B 30 34.83 -9.30 -5.33
N VAL B 31 34.08 -8.75 -6.27
CA VAL B 31 34.05 -9.36 -7.58
C VAL B 31 34.08 -8.26 -8.63
N GLN B 32 34.52 -8.61 -9.82
CA GLN B 32 34.60 -7.65 -10.94
C GLN B 32 33.27 -7.63 -11.68
N LEU B 33 32.87 -6.49 -12.23
CA LEU B 33 31.59 -6.43 -12.93
C LEU B 33 31.60 -7.39 -14.13
N GLY B 34 30.51 -8.13 -14.27
CA GLY B 34 30.40 -9.06 -15.38
C GLY B 34 30.70 -8.30 -16.65
N LYS B 35 31.19 -9.04 -17.65
CA LYS B 35 31.52 -8.44 -18.93
C LYS B 35 30.39 -8.60 -19.92
N CYS B 36 29.98 -7.46 -20.47
CA CYS B 36 28.89 -7.38 -21.44
C CYS B 36 28.98 -6.02 -22.10
N SER B 37 28.17 -5.80 -23.13
CA SER B 37 28.11 -4.48 -23.77
C SER B 37 26.66 -4.19 -24.01
N VAL B 38 26.24 -3.04 -23.50
CA VAL B 38 24.89 -2.58 -23.68
C VAL B 38 25.13 -1.37 -24.58
N THR B 39 24.82 -1.49 -25.88
CA THR B 39 25.02 -0.37 -26.79
C THR B 39 23.67 0.02 -27.36
N ARG B 40 23.57 1.22 -27.90
CA ARG B 40 22.31 1.68 -28.48
C ARG B 40 22.62 2.03 -29.91
N PHE B 41 22.06 1.28 -30.86
CA PHE B 41 22.32 1.61 -32.27
C PHE B 41 21.78 3.03 -32.56
N SER B 42 22.07 3.59 -33.75
CA SER B 42 21.58 4.96 -34.06
C SER B 42 20.08 5.11 -33.87
N ASP B 43 19.31 4.03 -34.15
CA ASP B 43 17.83 4.05 -34.02
C ASP B 43 17.28 3.90 -32.61
N GLY B 44 18.18 3.97 -31.64
CA GLY B 44 17.72 3.87 -30.27
C GLY B 44 17.46 2.49 -29.76
N GLU B 45 17.62 1.47 -30.58
CA GLU B 45 17.40 0.11 -30.09
C GLU B 45 18.63 -0.28 -29.25
N VAL B 46 18.37 -1.02 -28.18
CA VAL B 46 19.40 -1.44 -27.27
C VAL B 46 19.91 -2.78 -27.67
N GLN B 47 21.24 -2.93 -27.71
CA GLN B 47 21.83 -4.21 -28.03
C GLN B 47 22.64 -4.68 -26.86
N ILE B 48 22.46 -5.93 -26.50
CA ILE B 48 23.18 -6.50 -25.41
C ILE B 48 23.79 -7.80 -25.92
N ASN B 49 25.02 -8.00 -25.50
CA ASN B 49 25.72 -9.25 -25.76
C ASN B 49 26.72 -9.40 -24.61
N ILE B 50 26.51 -10.49 -23.86
CA ILE B 50 27.31 -10.83 -22.69
C ILE B 50 28.62 -11.36 -23.24
N GLU B 51 29.73 -10.83 -22.76
CA GLU B 51 31.05 -11.22 -23.24
C GLU B 51 31.84 -12.37 -22.59
N GLU B 52 31.21 -13.12 -21.70
CA GLU B 52 31.84 -14.27 -21.04
C GLU B 52 30.68 -15.23 -20.77
N SER B 53 30.96 -16.52 -20.75
CA SER B 53 29.95 -17.53 -20.51
C SER B 53 29.39 -17.32 -19.10
N ILE B 54 28.09 -17.40 -18.90
CA ILE B 54 27.57 -17.25 -17.54
C ILE B 54 26.68 -18.44 -17.26
N ARG B 55 26.76 -19.39 -18.18
CA ARG B 55 26.00 -20.63 -18.14
C ARG B 55 26.21 -21.19 -16.75
N GLY B 56 25.11 -21.48 -16.05
CA GLY B 56 25.17 -22.04 -14.71
C GLY B 56 25.52 -21.08 -13.59
N CYS B 57 25.74 -19.80 -13.88
CA CYS B 57 26.07 -18.84 -12.84
C CYS B 57 24.85 -18.11 -12.27
N ASP B 58 24.99 -17.64 -11.02
CA ASP B 58 23.93 -16.88 -10.36
C ASP B 58 24.26 -15.45 -10.72
N CYS B 59 23.39 -14.81 -11.48
CA CYS B 59 23.65 -13.45 -11.94
C CYS B 59 22.86 -12.38 -11.23
N TYR B 60 23.55 -11.31 -10.88
CA TYR B 60 22.92 -10.18 -10.22
C TYR B 60 22.99 -8.98 -11.12
N ILE B 61 21.83 -8.38 -11.38
CA ILE B 61 21.72 -7.18 -12.20
C ILE B 61 21.31 -6.01 -11.31
N ILE B 62 22.09 -4.94 -11.39
CA ILE B 62 21.86 -3.75 -10.59
C ILE B 62 21.34 -2.66 -11.50
N GLN B 63 20.07 -2.29 -11.30
CA GLN B 63 19.45 -1.28 -12.12
C GLN B 63 18.35 -0.57 -11.39
N SER B 64 18.45 0.76 -11.35
CA SER B 64 17.42 1.58 -10.76
C SER B 64 16.63 1.98 -11.97
N THR B 65 15.32 1.97 -11.86
CA THR B 65 14.52 2.42 -12.98
C THR B 65 14.14 3.87 -12.75
N SER B 66 15.16 4.71 -12.84
CA SER B 66 15.06 6.14 -12.67
C SER B 66 15.11 6.83 -14.05
N ASP B 67 14.94 8.14 -14.07
CA ASP B 67 14.95 8.92 -15.31
C ASP B 67 16.08 8.56 -16.27
N PRO B 68 15.76 8.09 -17.51
CA PRO B 68 14.38 7.91 -17.98
C PRO B 68 13.95 6.47 -17.69
N VAL B 69 12.90 6.33 -16.91
CA VAL B 69 12.42 5.02 -16.50
C VAL B 69 12.14 4.02 -17.62
N ASN B 70 11.62 4.48 -18.75
CA ASN B 70 11.29 3.60 -19.87
C ASN B 70 12.49 2.94 -20.53
N GLU B 71 13.60 3.68 -20.65
CA GLU B 71 14.80 3.14 -21.23
C GLU B 71 15.42 2.14 -20.28
N HIS B 72 15.51 2.53 -19.02
CA HIS B 72 16.08 1.70 -17.97
C HIS B 72 15.29 0.39 -17.77
N ILE B 73 13.97 0.44 -17.93
CA ILE B 73 13.15 -0.78 -17.80
C ILE B 73 13.45 -1.67 -18.98
N MET B 74 13.52 -1.07 -20.16
CA MET B 74 13.75 -1.87 -21.34
C MET B 74 15.10 -2.56 -21.35
N GLU B 75 16.19 -1.84 -21.06
CA GLU B 75 17.51 -2.48 -21.02
C GLU B 75 17.56 -3.56 -19.94
N LEU B 76 16.80 -3.38 -18.86
CA LEU B 76 16.73 -4.35 -17.80
C LEU B 76 16.06 -5.61 -18.32
N LEU B 77 14.92 -5.43 -19.01
CA LEU B 77 14.18 -6.58 -19.55
C LEU B 77 14.95 -7.35 -20.62
N ILE B 78 15.64 -6.62 -21.48
CA ILE B 78 16.44 -7.22 -22.53
C ILE B 78 17.64 -7.95 -21.93
N MET B 79 18.25 -7.36 -20.92
CA MET B 79 19.36 -7.98 -20.21
C MET B 79 18.92 -9.36 -19.65
N VAL B 80 17.77 -9.39 -18.99
CA VAL B 80 17.23 -10.63 -18.44
C VAL B 80 16.95 -11.66 -19.55
N ASP B 81 16.43 -11.21 -20.70
CA ASP B 81 16.13 -12.16 -21.75
C ASP B 81 17.45 -12.77 -22.23
N ALA B 82 18.45 -11.92 -22.35
CA ALA B 82 19.76 -12.35 -22.78
C ALA B 82 20.35 -13.38 -21.79
N LEU B 83 20.30 -13.12 -20.49
CA LEU B 83 20.85 -14.06 -19.51
C LEU B 83 20.06 -15.37 -19.44
N LYS B 84 18.74 -15.30 -19.64
CA LYS B 84 17.88 -16.48 -19.57
C LYS B 84 18.26 -17.40 -20.71
N ARG B 85 18.41 -16.82 -21.90
CA ARG B 85 18.73 -17.59 -23.07
C ARG B 85 20.17 -18.10 -23.12
N ALA B 86 21.05 -17.53 -22.32
CA ALA B 86 22.43 -17.97 -22.26
C ALA B 86 22.58 -18.95 -21.12
N SER B 87 21.46 -19.48 -20.62
CA SER B 87 21.47 -20.46 -19.54
C SER B 87 21.96 -20.10 -18.14
N ALA B 88 21.77 -18.86 -17.72
CA ALA B 88 22.13 -18.45 -16.38
C ALA B 88 21.34 -19.37 -15.45
N LYS B 89 21.86 -19.62 -14.26
CA LYS B 89 21.14 -20.46 -13.32
C LYS B 89 20.02 -19.66 -12.68
N THR B 90 20.34 -18.43 -12.26
CA THR B 90 19.38 -17.49 -11.65
C THR B 90 19.67 -16.09 -12.16
N ILE B 91 18.63 -15.27 -12.14
CA ILE B 91 18.67 -13.88 -12.60
C ILE B 91 18.00 -13.07 -11.47
N ASN B 92 18.86 -12.49 -10.66
CA ASN B 92 18.47 -11.75 -9.48
C ASN B 92 18.53 -10.27 -9.74
N ILE B 93 17.42 -9.59 -9.46
CA ILE B 93 17.31 -8.16 -9.74
C ILE B 93 17.45 -7.27 -8.52
N VAL B 94 18.49 -6.45 -8.50
CA VAL B 94 18.70 -5.53 -7.40
C VAL B 94 18.29 -4.15 -7.90
N ILE B 95 17.16 -3.68 -7.39
CA ILE B 95 16.60 -2.40 -7.78
C ILE B 95 16.72 -1.40 -6.64
N PRO B 96 17.74 -0.53 -6.69
CA PRO B 96 17.91 0.47 -5.63
C PRO B 96 16.72 1.46 -5.59
N TYR B 97 16.20 1.81 -6.77
CA TYR B 97 15.05 2.71 -6.89
C TYR B 97 14.06 2.08 -7.88
N TYR B 98 12.82 1.93 -7.43
CA TYR B 98 11.73 1.32 -8.20
C TYR B 98 10.84 2.39 -8.87
N GLY B 99 11.05 2.65 -10.15
CA GLY B 99 10.27 3.63 -10.87
C GLY B 99 8.82 3.22 -11.00
N TYR B 100 7.94 4.19 -11.20
CA TYR B 100 6.48 4.01 -11.34
C TYR B 100 5.83 3.48 -10.07
N ALA B 101 6.52 3.56 -8.94
CA ALA B 101 5.95 3.06 -7.68
C ALA B 101 4.89 4.00 -7.12
N ARG B 102 4.77 5.20 -7.70
CA ARG B 102 3.76 6.18 -7.26
C ARG B 102 2.47 5.88 -7.98
N GLN B 103 1.43 5.73 -7.18
CA GLN B 103 0.14 5.35 -7.70
C GLN B 103 -0.91 6.50 -7.76
N ASP B 104 -0.61 7.57 -7.04
CA ASP B 104 -1.46 8.74 -6.86
C ASP B 104 -1.06 9.93 -7.73
N ARG B 105 0.09 9.84 -8.38
CA ARG B 105 0.57 10.98 -9.18
C ARG B 105 -0.50 11.83 -9.87
N LYS B 106 -1.39 11.18 -10.64
CA LYS B 106 -2.52 11.85 -11.33
C LYS B 106 -3.68 11.34 -10.53
N ALA B 107 -4.64 12.21 -10.22
CA ALA B 107 -5.80 11.81 -9.41
C ALA B 107 -7.00 11.31 -10.26
N ARG B 108 -6.74 10.65 -11.39
CA ARG B 108 -7.82 10.25 -12.30
C ARG B 108 -8.63 8.95 -12.14
N SER B 109 -9.43 8.64 -13.14
CA SER B 109 -10.28 7.44 -13.05
C SER B 109 -9.52 6.29 -13.68
N ARG B 110 -9.72 6.12 -14.99
CA ARG B 110 -9.17 5.02 -15.80
C ARG B 110 -7.67 5.03 -16.03
N GLU B 111 -6.98 4.67 -14.96
CA GLU B 111 -5.53 4.63 -14.95
C GLU B 111 -4.93 3.24 -14.99
N PRO B 112 -3.63 3.17 -15.35
CA PRO B 112 -2.97 1.87 -15.38
C PRO B 112 -2.35 1.74 -13.97
N ILE B 113 -1.90 0.55 -13.58
CA ILE B 113 -1.20 0.41 -12.29
C ILE B 113 0.18 -0.09 -12.74
N THR B 114 0.95 0.85 -13.21
CA THR B 114 2.26 0.63 -13.76
C THR B 114 3.27 -0.15 -12.90
N ALA B 115 3.25 0.05 -11.60
CA ALA B 115 4.14 -0.70 -10.73
C ALA B 115 3.79 -2.21 -10.83
N LYS B 116 2.51 -2.54 -11.08
CA LYS B 116 2.10 -3.94 -11.21
C LYS B 116 2.46 -4.47 -12.57
N LEU B 117 2.24 -3.66 -13.61
CA LEU B 117 2.61 -4.06 -14.96
C LEU B 117 4.13 -4.39 -15.00
N PHE B 118 4.95 -3.55 -14.38
CA PHE B 118 6.41 -3.78 -14.33
C PHE B 118 6.76 -5.14 -13.73
N ALA B 119 6.16 -5.46 -12.58
CA ALA B 119 6.35 -6.73 -11.89
C ALA B 119 6.03 -7.93 -12.82
N ASN B 120 4.89 -7.86 -13.50
CA ASN B 120 4.47 -8.89 -14.44
C ASN B 120 5.49 -9.00 -15.58
N LEU B 121 5.97 -7.86 -16.07
CA LEU B 121 6.93 -7.85 -17.17
C LEU B 121 8.27 -8.46 -16.78
N LEU B 122 8.73 -8.15 -15.55
CA LEU B 122 10.00 -8.63 -15.02
C LEU B 122 9.94 -10.13 -14.85
N GLU B 123 8.83 -10.61 -14.31
CA GLU B 123 8.63 -12.04 -14.14
C GLU B 123 8.57 -12.70 -15.52
N THR B 124 7.87 -12.12 -16.48
CA THR B 124 7.77 -12.68 -17.82
C THR B 124 9.10 -12.73 -18.52
N ALA B 125 9.91 -11.69 -18.33
CA ALA B 125 11.23 -11.64 -18.94
C ALA B 125 12.02 -12.84 -18.41
N GLY B 126 11.81 -13.18 -17.14
CA GLY B 126 12.48 -14.30 -16.56
C GLY B 126 13.18 -14.09 -15.22
N ALA B 127 12.86 -13.04 -14.48
CA ALA B 127 13.52 -12.81 -13.19
C ALA B 127 13.29 -13.94 -12.17
N THR B 128 14.31 -14.27 -11.38
CA THR B 128 14.22 -15.31 -10.36
C THR B 128 13.79 -14.67 -9.04
N ARG B 129 14.34 -13.52 -8.75
CA ARG B 129 13.99 -12.83 -7.52
C ARG B 129 14.38 -11.36 -7.62
N VAL B 130 13.95 -10.59 -6.62
CA VAL B 130 14.23 -9.17 -6.54
C VAL B 130 14.69 -8.78 -5.15
N ILE B 131 15.55 -7.76 -5.12
CA ILE B 131 16.03 -7.15 -3.91
C ILE B 131 15.65 -5.68 -4.15
N ALA B 132 14.79 -5.12 -3.31
CA ALA B 132 14.35 -3.74 -3.48
C ALA B 132 14.68 -2.92 -2.24
N LEU B 133 14.66 -1.60 -2.39
CA LEU B 133 14.96 -0.69 -1.31
C LEU B 133 13.93 0.45 -1.18
N ASP B 134 13.28 0.56 -0.03
CA ASP B 134 12.27 1.60 0.24
C ASP B 134 11.23 1.82 -0.87
N LEU B 135 10.37 0.83 -1.06
CA LEU B 135 9.33 0.94 -2.04
C LEU B 135 8.36 1.97 -1.52
N HIS B 136 7.79 2.76 -2.42
CA HIS B 136 6.84 3.79 -2.07
C HIS B 136 5.68 3.31 -1.20
N ALA B 137 5.20 2.09 -1.41
CA ALA B 137 4.11 1.51 -0.63
C ALA B 137 4.59 0.08 -0.41
N PRO B 138 4.62 -0.41 0.83
CA PRO B 138 5.10 -1.77 1.09
C PRO B 138 4.29 -2.93 0.46
N GLN B 139 3.06 -2.66 0.04
CA GLN B 139 2.30 -3.70 -0.60
C GLN B 139 2.67 -3.96 -2.08
N ILE B 140 3.63 -3.20 -2.59
CA ILE B 140 4.12 -3.45 -3.94
C ILE B 140 4.82 -4.83 -3.89
N GLN B 141 5.24 -5.26 -2.69
CA GLN B 141 5.85 -6.58 -2.55
C GLN B 141 4.86 -7.61 -2.99
N GLY B 142 3.59 -7.35 -2.73
CA GLY B 142 2.50 -8.23 -3.13
C GLY B 142 2.27 -8.26 -4.64
N PHE B 143 2.85 -7.32 -5.38
CA PHE B 143 2.69 -7.33 -6.81
C PHE B 143 3.47 -8.49 -7.49
N PHE B 144 4.43 -9.08 -6.78
CA PHE B 144 5.27 -10.17 -7.30
C PHE B 144 4.86 -11.53 -6.80
N ASP B 145 5.09 -12.54 -7.62
CA ASP B 145 4.82 -13.88 -7.19
C ASP B 145 6.15 -14.61 -7.05
N ILE B 146 7.26 -13.93 -7.31
CA ILE B 146 8.61 -14.50 -7.13
C ILE B 146 9.10 -13.86 -5.80
N PRO B 147 10.12 -14.43 -5.14
CA PRO B 147 10.60 -13.85 -3.89
C PRO B 147 11.14 -12.41 -4.06
N ILE B 148 10.78 -11.55 -3.11
CA ILE B 148 11.24 -10.19 -3.12
C ILE B 148 11.65 -9.85 -1.72
N ASP B 149 12.88 -9.38 -1.54
CA ASP B 149 13.42 -8.97 -0.25
C ASP B 149 13.47 -7.45 -0.24
N HIS B 150 12.76 -6.85 0.72
CA HIS B 150 12.63 -5.43 0.80
C HIS B 150 13.45 -4.78 1.91
N LEU B 151 14.47 -4.03 1.49
CA LEU B 151 15.36 -3.33 2.40
C LEU B 151 14.84 -1.94 2.76
N MET B 152 15.09 -1.53 4.00
CA MET B 152 14.67 -0.24 4.58
C MET B 152 15.85 0.74 4.66
N GLY B 153 15.67 1.98 4.21
CA GLY B 153 16.75 2.95 4.27
C GLY B 153 16.74 3.81 5.55
N VAL B 154 15.66 3.79 6.29
CA VAL B 154 15.54 4.60 7.51
C VAL B 154 16.64 4.43 8.57
N PRO B 155 17.13 3.19 8.81
CA PRO B 155 18.18 3.08 9.83
C PRO B 155 19.43 3.90 9.49
N ILE B 156 19.80 3.95 8.21
CA ILE B 156 20.98 4.66 7.78
C ILE B 156 20.81 6.14 8.05
N LEU B 157 19.63 6.66 7.74
CA LEU B 157 19.33 8.07 7.92
C LEU B 157 19.30 8.40 9.41
N GLY B 158 18.66 7.51 10.16
CA GLY B 158 18.56 7.71 11.58
C GLY B 158 19.93 7.76 12.20
N GLU B 159 20.78 6.81 11.88
CA GLU B 159 22.12 6.75 12.44
C GLU B 159 22.92 8.04 12.22
N TYR B 160 22.69 8.65 11.07
CA TYR B 160 23.34 9.90 10.73
C TYR B 160 22.84 11.02 11.63
N PHE B 161 21.53 11.19 11.73
CA PHE B 161 20.98 12.24 12.57
C PHE B 161 21.33 12.06 14.03
N GLU B 162 21.44 10.80 14.47
CA GLU B 162 21.79 10.50 15.85
C GLU B 162 23.18 11.06 16.17
N GLY B 163 24.08 10.90 15.21
CA GLY B 163 25.45 11.36 15.33
C GLY B 163 25.61 12.86 15.35
N LYS B 164 24.51 13.60 15.16
CA LYS B 164 24.59 15.05 15.16
C LYS B 164 24.32 15.63 16.53
N ASN B 165 23.88 14.78 17.45
CA ASN B 165 23.57 15.17 18.84
C ASN B 165 22.57 16.34 18.89
N LEU B 166 21.39 16.15 18.33
CA LEU B 166 20.41 17.22 18.30
C LEU B 166 19.47 17.29 19.51
N GLU B 167 19.02 18.50 19.83
CA GLU B 167 18.09 18.71 20.94
C GLU B 167 16.71 19.07 20.41
N ASP B 168 15.71 18.73 21.22
CA ASP B 168 14.31 19.04 20.93
C ASP B 168 13.93 18.77 19.50
N ILE B 169 13.95 17.51 19.11
CA ILE B 169 13.57 17.21 17.76
C ILE B 169 12.17 16.72 17.59
N VAL B 170 11.60 17.04 16.44
CA VAL B 170 10.26 16.61 16.06
C VAL B 170 10.35 16.12 14.62
N ILE B 171 9.91 14.89 14.37
CA ILE B 171 9.94 14.30 13.03
C ILE B 171 8.66 14.73 12.27
N VAL B 172 8.85 15.38 11.14
CA VAL B 172 7.74 15.90 10.41
C VAL B 172 7.38 15.13 9.15
N SER B 173 6.11 14.76 9.06
CA SER B 173 5.61 14.10 7.88
C SER B 173 5.11 15.18 6.91
N PRO B 174 5.69 15.23 5.70
CA PRO B 174 5.35 16.19 4.65
C PRO B 174 3.90 16.17 4.19
N ASP B 175 3.24 15.00 4.31
CA ASP B 175 1.84 14.79 3.93
C ASP B 175 1.15 13.64 4.68
N HIS B 176 -0.12 13.36 4.35
CA HIS B 176 -0.89 12.29 5.05
C HIS B 176 -0.42 10.87 4.81
N GLY B 177 0.16 10.63 3.66
CA GLY B 177 0.59 9.29 3.33
C GLY B 177 1.91 8.89 3.94
N GLY B 178 2.68 9.85 4.45
CA GLY B 178 3.97 9.52 4.99
C GLY B 178 4.11 9.48 6.49
N VAL B 179 2.99 9.38 7.21
CA VAL B 179 3.00 9.38 8.66
C VAL B 179 3.61 8.09 9.22
N THR B 180 3.40 6.96 8.55
CA THR B 180 4.00 5.73 9.05
C THR B 180 5.54 5.78 8.99
N ARG B 181 6.07 6.37 7.92
CA ARG B 181 7.49 6.50 7.69
C ARG B 181 8.14 7.48 8.65
N ALA B 182 7.42 8.54 9.01
CA ALA B 182 7.94 9.55 9.95
C ALA B 182 7.99 8.91 11.33
N ARG B 183 7.04 8.05 11.57
CA ARG B 183 6.93 7.35 12.82
C ARG B 183 8.14 6.44 13.05
N LYS B 184 8.62 5.77 12.01
CA LYS B 184 9.78 4.88 12.12
C LYS B 184 11.04 5.62 12.49
N LEU B 185 11.22 6.81 11.94
CA LEU B 185 12.38 7.62 12.26
C LEU B 185 12.21 8.13 13.70
N ALA B 186 10.98 8.51 14.04
CA ALA B 186 10.72 9.01 15.38
C ALA B 186 11.03 7.96 16.42
N ASP B 187 10.84 6.68 16.08
CA ASP B 187 11.14 5.59 16.99
C ASP B 187 12.65 5.43 17.17
N ARG B 188 13.37 5.55 16.07
CA ARG B 188 14.83 5.41 16.09
C ARG B 188 15.40 6.57 16.90
N LEU B 189 14.78 7.74 16.82
CA LEU B 189 15.29 8.88 17.53
C LEU B 189 14.51 9.27 18.77
N LYS B 190 13.63 8.40 19.24
CA LYS B 190 12.82 8.70 20.44
C LYS B 190 12.30 10.15 20.44
N ALA B 191 11.71 10.52 19.32
CA ALA B 191 11.20 11.85 19.13
C ALA B 191 9.72 11.78 18.77
N PRO B 192 8.96 12.85 19.06
CA PRO B 192 7.54 12.89 18.75
C PRO B 192 7.42 13.24 17.26
N ILE B 193 6.20 13.11 16.72
CA ILE B 193 5.96 13.45 15.32
C ILE B 193 4.99 14.63 15.15
N ALA B 194 5.00 15.21 13.94
CA ALA B 194 4.13 16.31 13.54
C ALA B 194 3.83 16.10 12.05
N ILE B 195 2.66 16.53 11.59
CA ILE B 195 2.32 16.40 10.16
C ILE B 195 1.78 17.68 9.50
N ILE B 196 2.16 17.89 8.25
CA ILE B 196 1.71 19.03 7.46
C ILE B 196 0.38 18.61 6.80
N ASP B 197 -0.72 19.28 7.14
CA ASP B 197 -2.03 18.97 6.57
C ASP B 197 -2.26 19.96 5.43
N LYS B 198 -1.81 19.62 4.24
CA LYS B 198 -1.99 20.54 3.13
C LYS B 198 -3.29 20.08 2.55
N ARG B 199 -4.21 21.02 2.40
CA ARG B 199 -5.57 20.75 1.95
C ARG B 199 -5.86 21.64 0.70
N MET B 209 -2.38 25.21 4.09
CA MET B 209 -1.23 24.35 4.59
C MET B 209 -0.93 24.39 6.12
N ASN B 210 -1.77 23.71 6.91
CA ASN B 210 -1.63 23.66 8.37
C ASN B 210 -0.70 22.59 8.95
N ILE B 211 -0.39 22.74 10.22
CA ILE B 211 0.52 21.86 10.96
C ILE B 211 -0.13 21.25 12.16
N VAL B 212 -0.11 19.92 12.19
CA VAL B 212 -0.69 19.16 13.29
C VAL B 212 0.46 18.62 14.18
N GLY B 213 0.60 19.23 15.35
CA GLY B 213 1.65 18.83 16.28
C GLY B 213 2.34 20.09 16.77
N ASN B 214 3.14 19.97 17.82
CA ASN B 214 3.82 21.15 18.32
C ASN B 214 5.22 21.19 17.72
N ILE B 215 5.48 22.19 16.92
CA ILE B 215 6.78 22.30 16.27
C ILE B 215 7.57 23.49 16.81
N GLU B 216 6.92 24.24 17.67
CA GLU B 216 7.49 25.44 18.27
C GLU B 216 8.86 25.29 18.96
N GLY B 217 9.80 26.13 18.49
CA GLY B 217 11.15 26.19 19.02
C GLY B 217 11.90 24.86 18.97
N LYS B 218 11.55 23.98 18.04
CA LYS B 218 12.19 22.68 17.95
C LYS B 218 12.99 22.47 16.67
N THR B 219 13.85 21.45 16.66
CA THR B 219 14.57 21.12 15.44
C THR B 219 13.66 20.12 14.72
N ALA B 220 13.17 20.50 13.55
CA ALA B 220 12.28 19.63 12.80
C ALA B 220 13.07 18.86 11.79
N ILE B 221 12.73 17.59 11.60
CA ILE B 221 13.38 16.77 10.60
C ILE B 221 12.25 16.29 9.66
N LEU B 222 12.26 16.78 8.41
CA LEU B 222 11.27 16.35 7.40
C LEU B 222 11.79 15.07 6.72
N ILE B 223 10.97 14.03 6.66
CA ILE B 223 11.39 12.80 6.01
C ILE B 223 10.35 12.35 4.98
N ASP B 224 10.81 11.91 3.82
CA ASP B 224 9.90 11.43 2.80
C ASP B 224 10.65 10.31 2.13
N ASP B 225 9.97 9.51 1.32
CA ASP B 225 10.69 8.47 0.65
C ASP B 225 11.40 9.02 -0.60
N ILE B 226 10.71 9.88 -1.32
CA ILE B 226 11.19 10.44 -2.57
C ILE B 226 11.11 11.95 -2.55
N ILE B 227 12.10 12.63 -3.09
CA ILE B 227 12.00 14.09 -3.22
C ILE B 227 12.11 14.28 -4.72
N ASP B 228 11.04 14.72 -5.36
CA ASP B 228 11.06 14.83 -6.82
C ASP B 228 11.24 16.27 -7.30
N THR B 229 10.15 17.03 -7.45
CA THR B 229 10.28 18.42 -7.90
C THR B 229 10.68 19.31 -6.71
N ALA B 230 10.50 18.75 -5.51
CA ALA B 230 10.82 19.39 -4.24
C ALA B 230 9.82 20.45 -3.79
N GLY B 231 8.72 20.58 -4.54
CA GLY B 231 7.71 21.56 -4.20
C GLY B 231 7.12 21.34 -2.83
N THR B 232 6.76 20.08 -2.57
CA THR B 232 6.17 19.68 -1.29
C THR B 232 7.06 19.84 -0.05
N ILE B 233 8.30 19.36 -0.15
CA ILE B 233 9.23 19.41 0.96
C ILE B 233 9.67 20.85 1.30
N THR B 234 9.96 21.67 0.27
CA THR B 234 10.36 23.05 0.49
C THR B 234 9.20 23.91 1.06
N LEU B 235 7.99 23.72 0.56
CA LEU B 235 6.85 24.45 1.09
C LEU B 235 6.62 24.06 2.54
N ALA B 236 6.83 22.78 2.83
CA ALA B 236 6.68 22.26 4.17
C ALA B 236 7.80 22.75 5.09
N ALA B 237 9.00 22.97 4.54
CA ALA B 237 10.10 23.49 5.36
C ALA B 237 9.84 24.95 5.69
N ASN B 238 9.38 25.72 4.70
CA ASN B 238 9.12 27.14 4.94
C ASN B 238 8.04 27.44 5.94
N ALA B 239 6.93 26.74 5.80
CA ALA B 239 5.79 26.91 6.70
C ALA B 239 6.24 26.47 8.09
N LEU B 240 7.21 25.57 8.15
CA LEU B 240 7.73 25.07 9.43
C LEU B 240 8.43 26.21 10.17
N VAL B 241 9.42 26.79 9.49
CA VAL B 241 10.14 27.87 10.07
C VAL B 241 9.19 28.99 10.43
N GLU B 242 8.38 29.44 9.48
CA GLU B 242 7.54 30.54 9.89
C GLU B 242 6.50 30.24 10.96
N ASN B 243 6.52 29.03 11.54
CA ASN B 243 5.55 28.72 12.59
C ASN B 243 6.32 28.51 13.89
N GLY B 244 7.58 28.93 13.86
CA GLY B 244 8.40 28.82 15.06
C GLY B 244 9.39 27.70 15.21
N ALA B 245 9.52 26.82 14.23
CA ALA B 245 10.47 25.70 14.32
C ALA B 245 11.82 26.41 14.43
N LYS B 246 12.71 25.97 15.31
CA LYS B 246 14.01 26.59 15.41
C LYS B 246 14.87 26.29 14.21
N GLU B 247 14.78 25.07 13.71
CA GLU B 247 15.57 24.64 12.55
C GLU B 247 14.88 23.53 11.78
N VAL B 248 15.27 23.38 10.51
CA VAL B 248 14.72 22.34 9.66
C VAL B 248 15.71 21.51 8.84
N TYR B 249 15.72 20.19 9.05
CA TYR B 249 16.53 19.30 8.24
C TYR B 249 15.53 18.57 7.38
N ALA B 250 15.99 18.07 6.24
CA ALA B 250 15.14 17.30 5.35
C ALA B 250 15.92 16.09 4.87
N CYS B 251 15.24 14.98 4.68
CA CYS B 251 15.90 13.78 4.22
C CYS B 251 14.96 12.88 3.46
N CYS B 252 15.53 12.00 2.66
CA CYS B 252 14.73 11.03 1.94
C CYS B 252 15.69 9.94 1.47
N THR B 253 15.12 8.82 1.01
CA THR B 253 15.97 7.78 0.48
C THR B 253 16.31 8.08 -0.99
N HIS B 254 15.30 8.36 -1.80
CA HIS B 254 15.51 8.59 -3.24
C HIS B 254 15.51 10.01 -3.77
N PRO B 255 16.67 10.48 -4.22
CA PRO B 255 16.79 11.84 -4.76
C PRO B 255 16.46 11.90 -6.26
N VAL B 256 15.17 11.97 -6.60
CA VAL B 256 14.74 12.04 -8.00
C VAL B 256 15.16 13.39 -8.52
N LEU B 257 14.93 14.42 -7.72
CA LEU B 257 15.30 15.80 -8.05
C LEU B 257 15.11 16.22 -9.50
N SER B 258 13.87 16.21 -9.96
CA SER B 258 13.58 16.60 -11.33
C SER B 258 13.14 18.07 -11.35
N GLY B 259 13.16 18.62 -12.55
CA GLY B 259 12.75 20.00 -12.76
C GLY B 259 13.55 20.99 -11.95
N PRO B 260 12.86 21.90 -11.27
CA PRO B 260 13.48 22.92 -10.45
C PRO B 260 13.91 22.45 -9.04
N ALA B 261 13.83 21.15 -8.77
CA ALA B 261 14.16 20.61 -7.45
C ALA B 261 15.32 21.31 -6.74
N VAL B 262 16.48 21.32 -7.40
CA VAL B 262 17.69 21.89 -6.86
C VAL B 262 17.59 23.36 -6.48
N GLU B 263 17.15 24.22 -7.39
CA GLU B 263 17.04 25.67 -7.11
C GLU B 263 16.10 25.87 -5.93
N ARG B 264 15.03 25.10 -5.90
CA ARG B 264 14.06 25.19 -4.81
C ARG B 264 14.70 24.86 -3.46
N ILE B 265 15.53 23.84 -3.46
CA ILE B 265 16.18 23.41 -2.24
C ILE B 265 17.23 24.43 -1.83
N ASN B 266 18.08 24.82 -2.76
CA ASN B 266 19.11 25.81 -2.46
C ASN B 266 18.53 27.10 -1.90
N ASN B 267 17.34 27.47 -2.36
CA ASN B 267 16.68 28.68 -1.90
C ASN B 267 15.76 28.46 -0.74
N SER B 268 15.73 27.29 -0.16
CA SER B 268 14.79 27.11 0.92
C SER B 268 15.53 27.29 2.23
N THR B 269 14.81 27.08 3.32
CA THR B 269 15.31 27.21 4.69
C THR B 269 15.90 25.89 5.20
N ILE B 270 15.92 24.85 4.36
CA ILE B 270 16.43 23.55 4.77
C ILE B 270 17.92 23.75 5.08
N LYS B 271 18.29 23.43 6.33
CA LYS B 271 19.65 23.60 6.79
C LYS B 271 20.56 22.66 6.07
N GLU B 272 20.10 21.42 5.93
CA GLU B 272 20.88 20.40 5.23
C GLU B 272 19.94 19.33 4.68
N LEU B 273 20.11 18.98 3.41
CA LEU B 273 19.31 17.92 2.79
C LEU B 273 20.13 16.64 2.80
N VAL B 274 19.56 15.56 3.31
CA VAL B 274 20.26 14.29 3.36
C VAL B 274 19.55 13.27 2.48
N VAL B 275 20.31 12.63 1.60
CA VAL B 275 19.76 11.63 0.69
C VAL B 275 20.70 10.43 0.54
N THR B 276 20.29 9.39 -0.18
CA THR B 276 21.18 8.27 -0.41
C THR B 276 21.58 8.30 -1.86
N ASN B 277 22.40 7.34 -2.25
CA ASN B 277 22.87 7.25 -3.64
C ASN B 277 22.13 6.17 -4.48
N SER B 278 20.86 5.91 -4.14
CA SER B 278 20.04 4.93 -4.85
C SER B 278 19.74 5.43 -6.28
N ILE B 279 19.82 6.72 -6.46
CA ILE B 279 19.61 7.34 -7.75
C ILE B 279 20.85 8.19 -8.00
N LYS B 280 21.32 8.13 -9.22
CA LYS B 280 22.46 8.90 -9.64
C LYS B 280 22.05 10.37 -9.69
N LEU B 281 22.89 11.19 -9.07
CA LEU B 281 22.71 12.61 -9.00
C LEU B 281 23.01 13.41 -10.28
N PRO B 282 22.31 14.54 -10.45
CA PRO B 282 22.63 15.30 -11.66
C PRO B 282 24.06 15.93 -11.44
N GLU B 283 24.98 15.67 -12.36
CA GLU B 283 26.33 16.25 -12.23
C GLU B 283 26.17 17.76 -12.49
N GLU B 284 25.25 18.08 -13.40
CA GLU B 284 24.93 19.45 -13.81
C GLU B 284 24.80 20.43 -12.67
N LYS B 285 23.80 20.22 -11.82
CA LYS B 285 23.58 21.20 -10.75
C LYS B 285 23.85 20.73 -9.29
N LYS B 286 24.43 21.62 -8.51
CA LYS B 286 24.84 21.33 -7.15
C LYS B 286 23.91 21.86 -6.06
N ILE B 287 23.66 21.01 -5.07
CA ILE B 287 22.86 21.35 -3.91
C ILE B 287 23.91 21.94 -2.94
N GLU B 288 23.61 23.05 -2.28
CA GLU B 288 24.62 23.63 -1.42
C GLU B 288 24.81 22.99 -0.05
N ARG B 289 23.71 22.81 0.67
CA ARG B 289 23.72 22.24 2.00
C ARG B 289 23.22 20.82 1.81
N PHE B 290 24.15 19.90 1.64
CA PHE B 290 23.78 18.54 1.30
C PHE B 290 24.71 17.44 1.81
N LYS B 291 24.11 16.31 2.14
CA LYS B 291 24.84 15.16 2.62
C LYS B 291 24.26 13.89 1.93
N GLN B 292 25.12 13.05 1.38
CA GLN B 292 24.68 11.85 0.72
C GLN B 292 25.22 10.61 1.44
N LEU B 293 24.32 9.76 1.92
CA LEU B 293 24.67 8.53 2.62
C LEU B 293 24.64 7.42 1.56
N SER B 294 25.48 6.39 1.73
CA SER B 294 25.58 5.32 0.75
C SER B 294 24.84 4.10 1.08
N VAL B 295 24.17 3.53 0.08
CA VAL B 295 23.46 2.27 0.27
C VAL B 295 24.28 1.11 -0.29
N GLY B 296 25.49 1.43 -0.79
CA GLY B 296 26.39 0.42 -1.32
C GLY B 296 26.66 -0.67 -0.31
N PRO B 297 27.12 -0.33 0.90
CA PRO B 297 27.36 -1.40 1.87
C PRO B 297 26.10 -2.19 2.21
N LEU B 298 24.96 -1.52 2.30
CA LEU B 298 23.68 -2.20 2.63
C LEU B 298 23.23 -3.22 1.56
N LEU B 299 23.35 -2.82 0.30
CA LEU B 299 22.98 -3.68 -0.81
C LEU B 299 24.00 -4.77 -1.00
N ALA B 300 25.28 -4.44 -0.81
CA ALA B 300 26.33 -5.45 -0.93
C ALA B 300 26.13 -6.56 0.10
N GLU B 301 25.81 -6.16 1.33
CA GLU B 301 25.59 -7.16 2.37
C GLU B 301 24.37 -8.03 2.02
N ALA B 302 23.34 -7.41 1.43
CA ALA B 302 22.10 -8.11 1.03
C ALA B 302 22.36 -9.17 -0.05
N ILE B 303 23.16 -8.81 -1.04
CA ILE B 303 23.47 -9.73 -2.11
C ILE B 303 24.24 -10.92 -1.57
N ILE B 304 25.19 -10.70 -0.69
CA ILE B 304 25.96 -11.80 -0.13
C ILE B 304 25.07 -12.77 0.67
N ARG B 305 24.23 -12.26 1.55
CA ARG B 305 23.38 -13.13 2.33
C ARG B 305 22.35 -13.87 1.46
N VAL B 306 21.89 -13.24 0.38
CA VAL B 306 20.95 -13.91 -0.49
C VAL B 306 21.64 -15.04 -1.23
N HIS B 307 22.83 -14.76 -1.76
CA HIS B 307 23.59 -15.75 -2.49
C HIS B 307 24.03 -16.96 -1.66
N GLU B 308 24.42 -16.71 -0.42
CA GLU B 308 24.90 -17.76 0.46
C GLU B 308 23.82 -18.38 1.28
N GLN B 309 22.59 -17.90 1.12
CA GLN B 309 21.43 -18.43 1.85
C GLN B 309 21.46 -18.11 3.35
N GLN B 310 21.94 -16.93 3.73
CA GLN B 310 21.96 -16.48 5.13
C GLN B 310 20.75 -15.60 5.46
N SER B 311 20.47 -15.35 6.73
CA SER B 311 19.34 -14.51 7.09
C SER B 311 19.60 -13.05 6.70
N VAL B 312 18.71 -12.45 5.92
CA VAL B 312 18.88 -11.06 5.54
C VAL B 312 17.86 -10.18 6.29
N SER B 313 16.84 -10.79 6.89
CA SER B 313 15.86 -10.01 7.64
C SER B 313 16.64 -9.34 8.79
N TYR B 314 17.70 -10.05 9.21
CA TYR B 314 18.59 -9.55 10.26
C TYR B 314 19.03 -8.11 9.95
N LEU B 315 19.17 -7.82 8.65
CA LEU B 315 19.61 -6.52 8.10
C LEU B 315 18.35 -5.68 8.01
N PHE B 316 18.03 -5.36 6.74
CA PHE B 316 16.88 -4.60 6.25
C PHE B 316 17.21 -3.19 5.75
S SO4 C . -8.80 -3.70 16.51
O1 SO4 C . -8.23 -3.28 17.83
O2 SO4 C . -8.86 -5.20 16.53
O3 SO4 C . -10.19 -3.13 16.36
O4 SO4 C . -7.92 -3.16 15.47
S SO4 D . -15.98 3.42 -16.38
O1 SO4 D . -16.76 2.68 -17.36
O2 SO4 D . -14.54 3.30 -16.59
O3 SO4 D . -16.37 4.81 -16.48
O4 SO4 D . -16.28 2.88 -15.06
S SO4 E . 7.47 16.49 -5.03
O1 SO4 E . 6.73 17.68 -4.57
O2 SO4 E . 8.87 16.51 -4.50
O3 SO4 E . 6.78 15.28 -4.51
O4 SO4 E . 7.49 16.45 -6.52
S SO4 F . 15.60 -14.59 6.28
O1 SO4 F . 15.88 -13.28 5.68
O2 SO4 F . 16.48 -15.59 5.67
O3 SO4 F . 15.92 -14.53 7.73
O4 SO4 F . 14.19 -14.96 6.10
#